data_3GHP
#
_entry.id   3GHP
#
_cell.length_a   68.759
_cell.length_b   159.221
_cell.length_c   44.213
_cell.angle_alpha   90.00
_cell.angle_beta   90.00
_cell.angle_gamma   90.00
#
_symmetry.space_group_name_H-M   'P 21 21 2'
#
loop_
_entity.id
_entity.type
_entity.pdbx_description
1 polymer 'Cellulosomal scaffoldin adaptor protein B'
2 non-polymer 1,2-ETHANEDIOL
3 water water
#
_entity_poly.entity_id   1
_entity_poly.type   'polypeptide(L)'
_entity_poly.pdbx_seq_one_letter_code
;VINLDMIKASYITMGYDKNAAEVGEIIKATVKINKITNFSGYQVNIKYDPTVLQAVNPKTGVAYTNSSLPTSGELLVSED
YGPIVQGVHKISEGILNLSRSYTALEVYRASESPEETGTLAVVGFKVLQKKATTVVFEDSETMPNGITGTTLFNWYGNRI
QSGYFVIQPGEINSAPIATATPTTKPTAFASTMPTVTLTPTPTATTTTTIPTAVPTTESLEHHHHHH
;
_entity_poly.pdbx_strand_id   A,B
#
loop_
_chem_comp.id
_chem_comp.type
_chem_comp.name
_chem_comp.formula
EDO non-polymer 1,2-ETHANEDIOL 'C2 H6 O2'
#
# COMPACT_ATOMS: atom_id res chain seq x y z
N ASN A 3 -26.83 -17.64 -18.17
CA ASN A 3 -25.50 -17.29 -18.66
C ASN A 3 -24.39 -17.38 -17.61
N LEU A 4 -23.16 -17.17 -18.07
CA LEU A 4 -22.03 -17.01 -17.16
C LEU A 4 -22.22 -15.69 -16.41
N ASP A 5 -21.91 -15.70 -15.11
CA ASP A 5 -22.13 -14.55 -14.23
C ASP A 5 -23.59 -14.12 -14.12
N MET A 6 -24.50 -15.04 -14.44
CA MET A 6 -25.92 -14.83 -14.19
C MET A 6 -26.28 -15.65 -12.95
N ILE A 7 -25.72 -15.25 -11.81
CA ILE A 7 -25.82 -16.06 -10.59
C ILE A 7 -26.06 -15.25 -9.29
N LYS A 8 -26.29 -15.98 -8.20
CA LYS A 8 -26.81 -15.39 -6.99
C LYS A 8 -25.89 -15.61 -5.79
N ALA A 9 -24.71 -16.17 -6.04
CA ALA A 9 -23.83 -16.61 -4.96
C ALA A 9 -22.92 -15.50 -4.47
N SER A 10 -22.12 -15.82 -3.46
CA SER A 10 -21.08 -14.90 -3.01
C SER A 10 -19.77 -15.36 -3.63
N TYR A 11 -18.93 -14.39 -4.03
CA TYR A 11 -17.73 -14.74 -4.77
C TYR A 11 -16.83 -13.58 -5.16
N ILE A 12 -15.61 -13.96 -5.55
CA ILE A 12 -14.65 -13.07 -6.15
C ILE A 12 -14.27 -13.65 -7.49
N THR A 13 -14.03 -12.79 -8.47
CA THR A 13 -13.71 -13.24 -9.80
C THR A 13 -12.87 -12.16 -10.45
N MET A 14 -12.51 -12.37 -11.69
CA MET A 14 -11.77 -11.38 -12.44
C MET A 14 -12.42 -11.27 -13.81
N GLY A 15 -12.74 -10.06 -14.23
CA GLY A 15 -13.34 -9.85 -15.54
C GLY A 15 -12.30 -9.31 -16.50
N TYR A 16 -12.44 -9.64 -17.78
CA TYR A 16 -11.58 -9.08 -18.82
C TYR A 16 -12.39 -8.05 -19.62
N ASP A 17 -11.75 -7.00 -20.14
CA ASP A 17 -12.47 -6.06 -21.01
C ASP A 17 -12.62 -6.66 -22.41
N LYS A 18 -11.66 -7.48 -22.80
CA LYS A 18 -11.88 -8.33 -23.94
CA LYS A 18 -11.84 -8.32 -23.97
C LYS A 18 -10.95 -9.54 -23.89
N ASN A 19 -11.40 -10.63 -24.50
CA ASN A 19 -10.69 -11.92 -24.40
C ASN A 19 -9.78 -12.20 -25.60
N ALA A 20 -9.56 -11.17 -26.42
CA ALA A 20 -8.69 -11.28 -27.56
C ALA A 20 -7.89 -9.99 -27.77
N ALA A 21 -6.60 -10.13 -28.09
CA ALA A 21 -5.72 -8.98 -28.21
C ALA A 21 -4.48 -9.28 -29.05
N GLU A 22 -4.04 -8.29 -29.83
CA GLU A 22 -2.90 -8.45 -30.71
C GLU A 22 -1.66 -8.03 -29.97
N VAL A 23 -0.50 -8.53 -30.37
CA VAL A 23 0.72 -8.15 -29.68
C VAL A 23 0.71 -6.64 -29.51
N GLY A 24 1.21 -6.18 -28.38
CA GLY A 24 1.34 -4.76 -28.15
C GLY A 24 0.12 -4.12 -27.53
N GLU A 25 -1.07 -4.66 -27.77
CA GLU A 25 -2.21 -4.05 -27.10
C GLU A 25 -2.38 -4.55 -25.69
N ILE A 26 -3.26 -3.89 -24.94
CA ILE A 26 -3.45 -4.14 -23.50
C ILE A 26 -4.87 -4.58 -23.13
N ILE A 27 -5.01 -5.64 -22.32
CA ILE A 27 -6.31 -6.05 -21.82
C ILE A 27 -6.50 -5.56 -20.40
N LYS A 28 -7.70 -5.08 -20.07
CA LYS A 28 -7.96 -4.57 -18.72
C LYS A 28 -8.52 -5.69 -17.84
N ALA A 29 -7.72 -6.16 -16.89
CA ALA A 29 -8.15 -7.21 -15.97
C ALA A 29 -8.70 -6.63 -14.69
N THR A 30 -10.01 -6.74 -14.49
CA THR A 30 -10.64 -6.23 -13.29
C THR A 30 -11.10 -7.28 -12.28
N VAL A 31 -10.67 -7.11 -11.04
CA VAL A 31 -11.13 -7.96 -9.96
C VAL A 31 -12.35 -7.35 -9.34
N LYS A 32 -13.31 -8.22 -9.01
CA LYS A 32 -14.59 -7.77 -8.49
C LYS A 32 -15.17 -8.88 -7.64
N ILE A 33 -15.93 -8.49 -6.63
CA ILE A 33 -16.57 -9.44 -5.73
C ILE A 33 -18.06 -9.32 -5.89
N ASN A 34 -18.76 -10.26 -5.29
CA ASN A 34 -20.20 -10.23 -5.33
C ASN A 34 -20.78 -10.53 -3.97
N LYS A 35 -21.62 -9.62 -3.46
CA LYS A 35 -22.23 -9.80 -2.16
C LYS A 35 -21.26 -10.39 -1.11
N ILE A 36 -20.22 -9.65 -0.73
CA ILE A 36 -19.39 -10.07 0.41
C ILE A 36 -19.75 -9.23 1.61
N THR A 37 -20.45 -9.88 2.54
CA THR A 37 -21.05 -9.20 3.68
C THR A 37 -20.05 -8.31 4.41
N ASN A 38 -20.38 -7.03 4.54
CA ASN A 38 -19.62 -6.11 5.38
C ASN A 38 -18.14 -6.08 5.09
N PHE A 39 -17.85 -6.27 3.81
CA PHE A 39 -16.49 -6.31 3.29
C PHE A 39 -15.76 -4.98 3.48
N SER A 40 -14.43 -5.06 3.63
CA SER A 40 -13.64 -3.89 4.00
C SER A 40 -12.16 -4.00 3.58
N GLY A 41 -11.80 -5.04 2.84
CA GLY A 41 -10.41 -5.13 2.44
C GLY A 41 -10.12 -6.45 1.76
N TYR A 42 -9.10 -6.46 0.92
CA TYR A 42 -8.71 -7.68 0.22
C TYR A 42 -7.20 -7.90 0.16
N GLN A 43 -6.81 -9.17 0.08
CA GLN A 43 -5.51 -9.50 -0.48
C GLN A 43 -5.66 -10.60 -1.52
N VAL A 44 -4.99 -10.42 -2.66
CA VAL A 44 -4.97 -11.47 -3.67
C VAL A 44 -3.60 -11.67 -4.29
N ASN A 45 -3.48 -12.82 -4.94
CA ASN A 45 -2.23 -13.31 -5.49
C ASN A 45 -2.55 -13.88 -6.86
N ILE A 46 -1.83 -13.42 -7.88
CA ILE A 46 -2.16 -13.80 -9.26
C ILE A 46 -0.99 -14.33 -10.07
N LYS A 47 -1.30 -15.22 -11.01
CA LYS A 47 -0.31 -15.85 -11.89
C LYS A 47 -0.61 -15.61 -13.36
N TYR A 48 0.43 -15.29 -14.12
CA TYR A 48 0.33 -15.17 -15.58
C TYR A 48 1.63 -15.59 -16.23
N ASP A 49 1.60 -15.79 -17.54
CA ASP A 49 2.82 -16.14 -18.25
C ASP A 49 3.59 -14.85 -18.60
N PRO A 50 4.68 -14.56 -17.86
CA PRO A 50 5.45 -13.32 -18.01
C PRO A 50 6.03 -13.24 -19.38
N THR A 51 6.34 -14.39 -19.96
CA THR A 51 6.90 -14.45 -21.30
C THR A 51 5.82 -14.22 -22.35
N VAL A 52 4.57 -14.15 -21.89
CA VAL A 52 3.44 -14.00 -22.80
C VAL A 52 2.63 -12.76 -22.49
N LEU A 53 2.68 -12.33 -21.24
CA LEU A 53 1.99 -11.12 -20.85
C LEU A 53 2.85 -10.24 -19.98
N GLN A 54 2.80 -8.95 -20.28
CA GLN A 54 3.48 -7.99 -19.44
C GLN A 54 2.44 -7.21 -18.67
N ALA A 55 2.66 -7.09 -17.36
CA ALA A 55 1.72 -6.42 -16.48
C ALA A 55 2.03 -4.94 -16.49
N VAL A 56 1.05 -4.12 -16.88
CA VAL A 56 1.25 -2.66 -16.86
C VAL A 56 0.13 -1.89 -16.14
N ASN A 57 0.38 -0.62 -15.85
CA ASN A 57 -0.71 0.24 -15.43
C ASN A 57 -1.68 0.45 -16.60
N PRO A 58 -2.99 0.51 -16.33
CA PRO A 58 -4.01 0.53 -17.38
C PRO A 58 -4.31 1.95 -17.78
N LYS A 59 -3.84 2.89 -16.98
N LYS A 59 -3.88 2.89 -16.96
CA LYS A 59 -3.99 4.30 -17.29
CA LYS A 59 -3.98 4.30 -17.30
C LYS A 59 -2.73 4.80 -18.01
C LYS A 59 -2.72 4.68 -18.06
N THR A 60 -1.58 4.55 -17.40
CA THR A 60 -0.31 5.00 -17.94
C THR A 60 0.34 4.05 -18.94
N GLY A 61 -0.10 2.80 -18.98
CA GLY A 61 0.52 1.82 -19.86
C GLY A 61 1.96 1.52 -19.46
N VAL A 62 2.45 2.19 -18.42
CA VAL A 62 3.76 1.85 -17.87
C VAL A 62 3.79 0.46 -17.21
N ALA A 63 4.79 -0.34 -17.52
CA ALA A 63 4.89 -1.68 -16.93
C ALA A 63 5.09 -1.67 -15.41
N TYR A 64 4.47 -2.64 -14.71
CA TYR A 64 4.60 -2.76 -13.25
C TYR A 64 6.00 -3.09 -12.78
N THR A 65 6.36 -2.55 -11.62
CA THR A 65 7.56 -2.89 -10.86
C THR A 65 7.07 -3.80 -9.77
N ASN A 66 7.90 -4.70 -9.26
CA ASN A 66 7.29 -5.61 -8.28
C ASN A 66 6.97 -4.97 -6.91
N SER A 67 6.66 -3.67 -6.96
CA SER A 67 6.05 -2.94 -5.83
C SER A 67 4.93 -2.01 -6.32
N SER A 68 4.53 -2.16 -7.58
CA SER A 68 3.50 -1.32 -8.19
C SER A 68 2.11 -1.42 -7.55
N LEU A 69 1.45 -0.26 -7.40
CA LEU A 69 0.05 -0.20 -6.93
C LEU A 69 -0.98 -0.56 -8.02
N PRO A 70 -2.01 -1.32 -7.63
CA PRO A 70 -3.05 -1.62 -8.62
C PRO A 70 -3.87 -0.39 -8.81
N THR A 71 -4.61 -0.37 -9.91
CA THR A 71 -5.56 0.68 -10.14
C THR A 71 -6.84 0.33 -9.38
N SER A 72 -7.41 1.34 -8.73
CA SER A 72 -8.56 1.18 -7.88
C SER A 72 -9.87 1.00 -8.63
N GLY A 73 -10.76 0.19 -8.07
CA GLY A 73 -12.08 -0.02 -8.63
C GLY A 73 -13.07 0.87 -7.90
N GLU A 74 -14.31 0.39 -7.76
CA GLU A 74 -15.33 1.20 -7.10
C GLU A 74 -15.22 1.12 -5.57
N LEU A 75 -14.83 -0.04 -5.08
CA LEU A 75 -14.86 -0.25 -3.64
C LEU A 75 -13.52 0.11 -3.03
N LEU A 76 -13.54 0.38 -1.72
CA LEU A 76 -12.31 0.62 -0.98
C LEU A 76 -11.61 1.91 -1.38
N VAL A 77 -12.36 2.81 -2.03
CA VAL A 77 -11.83 4.13 -2.35
C VAL A 77 -12.58 5.29 -1.68
N SER A 78 -13.27 5.01 -0.57
CA SER A 78 -13.86 6.11 0.21
C SER A 78 -12.85 6.66 1.20
N GLU A 79 -12.65 7.96 1.14
CA GLU A 79 -11.62 8.61 1.93
C GLU A 79 -11.93 8.46 3.38
N ASP A 80 -13.22 8.55 3.70
CA ASP A 80 -13.68 8.58 5.09
C ASP A 80 -13.02 7.48 5.91
N TYR A 81 -12.96 6.28 5.33
CA TYR A 81 -12.62 5.09 6.10
C TYR A 81 -11.13 4.73 6.00
N GLY A 82 -10.34 5.61 5.41
CA GLY A 82 -8.89 5.47 5.39
C GLY A 82 -8.26 4.33 4.60
N PRO A 83 -8.69 4.12 3.34
CA PRO A 83 -8.10 2.98 2.63
C PRO A 83 -6.59 3.15 2.44
N ILE A 84 -5.86 2.06 2.51
CA ILE A 84 -4.42 2.06 2.30
C ILE A 84 -4.12 0.83 1.47
N VAL A 85 -3.25 0.98 0.47
CA VAL A 85 -3.00 -0.09 -0.49
C VAL A 85 -1.49 -0.34 -0.70
N GLN A 86 -1.15 -1.44 -1.35
CA GLN A 86 0.24 -1.78 -1.62
C GLN A 86 0.27 -3.05 -2.41
N GLY A 87 1.31 -3.20 -3.24
CA GLY A 87 1.48 -4.38 -4.05
C GLY A 87 2.88 -4.91 -3.81
N VAL A 88 3.06 -6.21 -3.98
CA VAL A 88 4.37 -6.81 -3.90
C VAL A 88 4.38 -8.02 -4.82
N HIS A 89 5.35 -8.05 -5.71
CA HIS A 89 5.34 -9.02 -6.79
C HIS A 89 6.70 -9.66 -7.02
N LYS A 90 6.67 -10.72 -7.83
CA LYS A 90 7.86 -11.35 -8.35
C LYS A 90 7.54 -11.42 -9.81
N ILE A 91 7.68 -10.27 -10.46
CA ILE A 91 7.32 -10.12 -11.87
C ILE A 91 8.17 -11.02 -12.75
N SER A 92 9.40 -11.26 -12.30
CA SER A 92 10.26 -12.25 -12.92
C SER A 92 9.36 -13.44 -13.18
N GLU A 93 8.71 -13.91 -12.11
CA GLU A 93 7.93 -15.16 -12.13
C GLU A 93 6.44 -15.05 -12.47
N GLY A 94 6.03 -13.91 -12.99
CA GLY A 94 4.65 -13.79 -13.43
C GLY A 94 3.72 -13.85 -12.23
N ILE A 95 4.22 -13.35 -11.10
CA ILE A 95 3.43 -13.35 -9.88
C ILE A 95 3.18 -11.96 -9.31
N LEU A 96 1.94 -11.77 -8.86
CA LEU A 96 1.50 -10.51 -8.33
C LEU A 96 0.74 -10.71 -7.06
N ASN A 97 1.02 -9.84 -6.09
CA ASN A 97 0.25 -9.84 -4.87
C ASN A 97 -0.17 -8.43 -4.60
N LEU A 98 -1.46 -8.26 -4.35
CA LEU A 98 -2.05 -6.96 -4.13
C LEU A 98 -2.92 -6.93 -2.87
N SER A 99 -2.87 -5.83 -2.13
CA SER A 99 -3.72 -5.66 -0.94
C SER A 99 -4.16 -4.21 -0.74
N ARG A 100 -5.48 -4.02 -0.58
CA ARG A 100 -6.08 -2.74 -0.24
C ARG A 100 -7.14 -2.92 0.83
N SER A 101 -7.23 -2.00 1.78
CA SER A 101 -8.12 -2.18 2.94
C SER A 101 -8.49 -0.85 3.54
N TYR A 102 -9.75 -0.69 3.92
CA TYR A 102 -10.08 0.46 4.73
C TYR A 102 -9.36 0.27 6.04
N THR A 103 -9.29 1.33 6.84
CA THR A 103 -8.44 1.35 8.02
C THR A 103 -9.11 2.05 9.21
N ALA A 104 -10.07 2.92 8.95
CA ALA A 104 -10.91 3.47 10.02
C ALA A 104 -12.22 2.69 10.15
N LEU A 105 -12.11 1.45 10.64
CA LEU A 105 -13.21 0.48 10.65
C LEU A 105 -14.37 0.87 11.55
N GLU A 106 -14.06 1.45 12.70
CA GLU A 106 -15.11 1.95 13.58
C GLU A 106 -16.00 2.93 12.81
N VAL A 107 -15.36 3.91 12.18
CA VAL A 107 -16.08 4.90 11.36
C VAL A 107 -16.91 4.22 10.28
N TYR A 108 -16.30 3.26 9.59
CA TYR A 108 -16.98 2.45 8.57
C TYR A 108 -18.22 1.79 9.15
N ARG A 109 -18.07 1.16 10.31
CA ARG A 109 -19.18 0.46 10.93
C ARG A 109 -20.31 1.41 11.28
N ALA A 110 -19.95 2.59 11.78
CA ALA A 110 -20.90 3.64 12.08
C ALA A 110 -21.81 3.91 10.89
N SER A 111 -21.21 4.00 9.71
CA SER A 111 -21.96 4.28 8.47
C SER A 111 -23.14 3.33 8.23
N GLU A 112 -23.12 2.18 8.89
CA GLU A 112 -24.17 1.20 8.71
C GLU A 112 -24.54 0.96 7.24
N SER A 113 -23.60 1.22 6.32
CA SER A 113 -23.80 0.88 4.92
C SER A 113 -22.54 0.27 4.32
N PRO A 114 -22.48 -1.06 4.28
CA PRO A 114 -21.25 -1.76 3.91
C PRO A 114 -21.09 -1.84 2.40
N GLU A 115 -19.88 -2.04 1.91
CA GLU A 115 -19.65 -2.24 0.48
C GLU A 115 -19.41 -3.72 0.16
N GLU A 116 -20.34 -4.35 -0.55
CA GLU A 116 -20.36 -5.80 -0.73
C GLU A 116 -20.29 -6.33 -2.18
N THR A 117 -20.52 -5.46 -3.16
CA THR A 117 -20.56 -5.86 -4.57
C THR A 117 -19.82 -4.81 -5.41
N GLY A 118 -18.99 -5.24 -6.36
CA GLY A 118 -18.34 -4.25 -7.23
C GLY A 118 -16.84 -4.40 -7.35
N THR A 119 -16.23 -3.67 -8.29
CA THR A 119 -14.81 -3.90 -8.62
C THR A 119 -13.93 -3.55 -7.46
N LEU A 120 -12.69 -4.03 -7.51
CA LEU A 120 -11.76 -3.82 -6.39
C LEU A 120 -10.41 -3.30 -6.84
N ALA A 121 -9.93 -3.85 -7.95
CA ALA A 121 -8.66 -3.45 -8.47
C ALA A 121 -8.62 -3.72 -9.96
N VAL A 122 -7.70 -3.06 -10.64
CA VAL A 122 -7.64 -3.14 -12.07
C VAL A 122 -6.19 -3.15 -12.48
N VAL A 123 -5.85 -4.16 -13.25
CA VAL A 123 -4.48 -4.40 -13.64
C VAL A 123 -4.51 -4.63 -15.12
N GLY A 124 -3.48 -4.12 -15.83
CA GLY A 124 -3.39 -4.22 -17.28
C GLY A 124 -2.34 -5.19 -17.82
N PHE A 125 -2.71 -5.95 -18.84
CA PHE A 125 -1.76 -6.92 -19.40
C PHE A 125 -1.48 -6.71 -20.86
N LYS A 126 -0.26 -6.33 -21.17
CA LYS A 126 0.09 -6.08 -22.56
C LYS A 126 0.49 -7.42 -23.20
N VAL A 127 -0.29 -7.83 -24.19
CA VAL A 127 0.02 -9.00 -24.98
C VAL A 127 1.42 -8.94 -25.61
N LEU A 128 2.30 -9.79 -25.12
CA LEU A 128 3.60 -9.99 -25.76
C LEU A 128 3.44 -10.88 -26.97
N GLN A 129 2.68 -11.96 -26.79
CA GLN A 129 2.57 -13.00 -27.79
C GLN A 129 1.12 -13.38 -28.01
N LYS A 130 0.73 -13.60 -29.27
CA LYS A 130 -0.65 -13.96 -29.57
C LYS A 130 -0.81 -15.47 -29.45
N LYS A 131 -1.17 -15.89 -28.23
CA LYS A 131 -1.05 -17.26 -27.79
C LYS A 131 -2.03 -17.47 -26.66
N ALA A 132 -2.62 -18.64 -26.56
CA ALA A 132 -3.47 -18.93 -25.41
C ALA A 132 -2.67 -18.82 -24.11
N THR A 133 -3.11 -17.93 -23.22
CA THR A 133 -2.64 -17.99 -21.84
C THR A 133 -3.87 -17.92 -20.95
N THR A 134 -3.64 -18.22 -19.68
CA THR A 134 -4.64 -17.96 -18.66
C THR A 134 -4.03 -17.06 -17.57
N VAL A 135 -4.88 -16.27 -16.93
CA VAL A 135 -4.52 -15.60 -15.68
C VAL A 135 -5.36 -16.22 -14.58
N VAL A 136 -4.75 -16.52 -13.43
CA VAL A 136 -5.45 -17.20 -12.35
C VAL A 136 -5.05 -16.65 -11.00
N PHE A 137 -5.99 -16.71 -10.07
CA PHE A 137 -5.66 -16.50 -8.68
C PHE A 137 -5.06 -17.82 -8.25
N GLU A 138 -3.92 -17.82 -7.59
CA GLU A 138 -3.48 -19.08 -7.02
C GLU A 138 -2.81 -18.90 -5.66
N ASP A 139 -2.85 -19.95 -4.85
CA ASP A 139 -2.36 -19.86 -3.49
C ASP A 139 -0.90 -19.44 -3.47
N SER A 140 -0.48 -18.86 -2.35
CA SER A 140 0.93 -18.71 -2.07
C SER A 140 1.30 -19.18 -0.68
N GLU A 141 2.54 -19.63 -0.54
CA GLU A 141 3.13 -19.91 0.76
C GLU A 141 2.94 -18.75 1.72
N THR A 142 2.84 -17.53 1.19
CA THR A 142 2.73 -16.32 2.02
C THR A 142 1.29 -16.00 2.38
N MET A 143 0.39 -16.87 1.97
CA MET A 143 -1.02 -16.71 2.28
C MET A 143 -1.55 -18.07 2.67
N PRO A 144 -1.02 -18.61 3.77
CA PRO A 144 -1.33 -19.95 4.27
C PRO A 144 -2.82 -20.14 4.46
N ASN A 145 -3.50 -19.10 4.90
CA ASN A 145 -4.94 -19.18 5.11
C ASN A 145 -5.75 -18.83 3.88
N GLY A 146 -5.09 -18.63 2.75
CA GLY A 146 -5.78 -18.20 1.54
C GLY A 146 -6.73 -19.22 0.95
N ILE A 147 -7.85 -18.76 0.42
CA ILE A 147 -8.75 -19.57 -0.41
C ILE A 147 -8.38 -19.31 -1.88
N THR A 148 -7.73 -20.26 -2.55
CA THR A 148 -7.25 -20.07 -3.93
C THR A 148 -6.74 -18.67 -4.19
N GLY A 149 -5.57 -18.36 -3.68
CA GLY A 149 -4.96 -17.05 -3.91
C GLY A 149 -5.63 -15.91 -3.20
N THR A 150 -6.74 -16.15 -2.51
CA THR A 150 -7.56 -15.02 -2.01
C THR A 150 -7.93 -15.00 -0.52
N THR A 151 -7.65 -13.86 0.11
CA THR A 151 -8.06 -13.51 1.47
C THR A 151 -9.01 -12.30 1.48
N LEU A 152 -10.06 -12.32 2.31
CA LEU A 152 -11.04 -11.22 2.40
C LEU A 152 -11.43 -10.90 3.86
N PHE A 153 -11.71 -9.63 4.15
CA PHE A 153 -12.02 -9.18 5.52
C PHE A 153 -13.36 -8.48 5.63
N ASN A 154 -13.81 -8.25 6.86
CA ASN A 154 -15.00 -7.44 7.08
C ASN A 154 -14.72 -6.28 8.03
N TRP A 155 -15.68 -5.38 8.18
CA TRP A 155 -15.43 -4.21 9.03
C TRP A 155 -15.17 -4.48 10.52
N TYR A 156 -15.01 -5.75 10.91
CA TYR A 156 -14.50 -6.04 12.23
C TYR A 156 -12.98 -6.24 12.21
N GLY A 157 -12.45 -6.55 11.03
CA GLY A 157 -11.04 -6.89 10.89
C GLY A 157 -10.83 -8.38 10.91
N ASN A 158 -11.89 -9.12 10.55
CA ASN A 158 -11.97 -10.58 10.62
C ASN A 158 -11.94 -11.23 9.24
N ARG A 159 -11.05 -12.21 9.03
CA ARG A 159 -11.01 -12.92 7.75
C ARG A 159 -12.36 -13.58 7.49
N ILE A 160 -12.90 -13.34 6.31
CA ILE A 160 -14.11 -14.03 5.88
C ILE A 160 -13.63 -15.36 5.34
N GLN A 161 -13.79 -16.42 6.13
CA GLN A 161 -13.26 -17.74 5.76
C GLN A 161 -14.34 -18.73 5.29
N SER A 162 -15.59 -18.29 5.15
CA SER A 162 -16.64 -19.16 4.62
C SER A 162 -17.65 -18.32 3.87
N GLY A 163 -18.42 -18.94 3.00
CA GLY A 163 -19.57 -18.28 2.39
C GLY A 163 -19.40 -17.76 0.98
N TYR A 164 -18.16 -17.72 0.48
CA TYR A 164 -17.93 -17.35 -0.91
C TYR A 164 -16.90 -18.27 -1.58
N PHE A 165 -16.94 -18.34 -2.91
CA PHE A 165 -15.86 -19.00 -3.61
C PHE A 165 -15.18 -18.15 -4.73
N VAL A 166 -14.10 -18.67 -5.29
CA VAL A 166 -13.25 -17.99 -6.25
C VAL A 166 -13.49 -18.44 -7.68
N ILE A 167 -13.76 -17.50 -8.58
CA ILE A 167 -14.04 -17.85 -9.97
C ILE A 167 -12.97 -17.38 -10.92
N GLN A 168 -12.22 -18.34 -11.45
CA GLN A 168 -11.15 -18.00 -12.36
C GLN A 168 -11.74 -17.37 -13.63
N PRO A 169 -11.05 -16.34 -14.15
CA PRO A 169 -11.40 -15.40 -15.23
C PRO A 169 -11.62 -16.06 -16.60
N GLY A 170 -10.98 -17.19 -16.87
CA GLY A 170 -11.14 -17.85 -18.16
C GLY A 170 -9.83 -17.97 -18.92
N GLU A 171 -9.85 -17.69 -20.21
CA GLU A 171 -8.63 -17.78 -21.01
C GLU A 171 -8.47 -16.62 -21.97
N ILE A 172 -7.23 -16.40 -22.37
CA ILE A 172 -6.95 -15.31 -23.27
C ILE A 172 -6.43 -15.80 -24.60
N ASN A 173 -6.98 -15.23 -25.66
CA ASN A 173 -6.56 -15.56 -27.01
C ASN A 173 -6.90 -16.96 -27.43
N SER A 174 -6.16 -17.43 -28.44
CA SER A 174 -6.50 -18.62 -29.19
C SER A 174 -7.71 -19.38 -28.67
N ALA A 175 -8.76 -19.38 -29.46
CA ALA A 175 -9.87 -20.28 -29.22
C ALA A 175 -10.29 -20.78 -30.58
N PRO A 176 -9.31 -21.27 -31.36
CA PRO A 176 -9.49 -21.62 -32.78
C PRO A 176 -10.83 -22.34 -33.03
N ILE A 177 -10.85 -23.66 -32.86
CA ILE A 177 -12.10 -24.41 -32.79
C ILE A 177 -12.95 -24.36 -34.08
N ALA A 178 -12.61 -23.42 -34.97
CA ALA A 178 -13.40 -23.14 -36.16
C ALA A 178 -12.94 -23.89 -37.42
N THR A 179 -13.67 -23.71 -38.52
CA THR A 179 -13.38 -24.34 -39.81
C THR A 179 -13.86 -23.45 -40.97
N ALA A 180 -13.02 -22.51 -41.38
CA ALA A 180 -13.40 -21.52 -42.40
C ALA A 180 -12.88 -21.85 -43.80
N THR A 181 -12.21 -20.87 -44.43
CA THR A 181 -11.69 -21.04 -45.79
C THR A 181 -10.45 -20.18 -46.09
N PRO A 182 -9.29 -20.53 -45.52
CA PRO A 182 -8.00 -19.98 -45.94
C PRO A 182 -7.14 -21.05 -46.60
N THR A 183 -7.20 -21.20 -47.92
CA THR A 183 -6.51 -22.31 -48.58
C THR A 183 -5.60 -21.95 -49.77
N THR A 184 -4.40 -21.44 -49.46
CA THR A 184 -3.34 -21.24 -50.46
C THR A 184 -1.96 -21.60 -49.90
N LYS A 185 -0.96 -21.65 -50.78
CA LYS A 185 0.42 -21.96 -50.38
C LYS A 185 1.35 -20.80 -50.73
N PRO A 186 1.35 -19.75 -49.88
CA PRO A 186 2.15 -18.54 -50.10
C PRO A 186 3.45 -18.44 -49.26
N THR A 187 4.04 -19.57 -48.87
CA THR A 187 5.21 -19.56 -47.99
C THR A 187 6.41 -18.84 -48.61
N ALA A 188 7.26 -18.24 -47.77
CA ALA A 188 8.42 -17.49 -48.26
C ALA A 188 9.53 -18.41 -48.85
N PHE A 189 10.73 -18.57 -48.24
CA PHE A 189 11.21 -17.89 -47.04
C PHE A 189 12.71 -17.61 -47.18
N ALA A 190 13.45 -18.60 -47.70
CA ALA A 190 14.91 -18.52 -47.89
C ALA A 190 15.52 -19.90 -48.19
N SER A 191 16.78 -19.91 -48.64
CA SER A 191 17.52 -21.16 -48.87
C SER A 191 18.97 -20.92 -49.34
N THR A 192 19.10 -20.39 -50.55
CA THR A 192 20.40 -20.21 -51.18
C THR A 192 21.19 -19.07 -50.54
N MET B 6 9.30 14.04 34.33
CA MET B 6 9.50 14.08 32.88
C MET B 6 8.59 13.10 32.14
N ILE B 7 8.67 11.80 32.46
CA ILE B 7 7.83 10.77 31.81
C ILE B 7 7.50 9.59 32.77
N LYS B 8 6.91 8.48 32.31
CA LYS B 8 6.63 8.17 30.89
C LYS B 8 5.16 8.23 30.43
N ALA B 9 4.53 7.06 30.23
CA ALA B 9 3.12 6.97 29.81
C ALA B 9 2.88 7.03 28.29
N SER B 10 1.72 7.57 27.90
CA SER B 10 1.22 7.46 26.51
C SER B 10 1.61 8.58 25.54
N TYR B 11 2.60 8.34 24.68
CA TYR B 11 2.98 9.35 23.69
C TYR B 11 3.39 8.73 22.37
N ILE B 12 3.58 9.60 21.39
CA ILE B 12 4.32 9.25 20.20
C ILE B 12 5.41 10.31 20.04
N THR B 13 6.55 9.90 19.54
CA THR B 13 7.66 10.83 19.46
C THR B 13 8.54 10.46 18.29
N MET B 14 9.52 11.32 18.05
CA MET B 14 10.55 11.12 17.04
C MET B 14 11.94 11.29 17.65
N GLY B 15 12.83 10.35 17.35
CA GLY B 15 14.21 10.46 17.76
C GLY B 15 15.14 10.50 16.58
N TYR B 16 16.14 11.39 16.61
CA TYR B 16 17.23 11.35 15.65
C TYR B 16 18.30 10.41 16.18
N ASP B 17 19.14 9.92 15.27
CA ASP B 17 20.28 9.10 15.63
C ASP B 17 21.39 10.04 16.02
N LYS B 18 21.76 10.87 15.05
CA LYS B 18 22.83 11.86 15.18
C LYS B 18 22.20 13.21 15.51
N ASN B 19 22.81 13.90 16.46
CA ASN B 19 22.29 15.18 16.91
C ASN B 19 22.46 16.28 15.86
N ALA B 20 23.59 16.27 15.17
CA ALA B 20 23.89 17.22 14.11
C ALA B 20 24.86 16.55 13.14
N ALA B 21 24.73 16.90 11.87
CA ALA B 21 25.56 16.24 10.87
C ALA B 21 26.00 17.18 9.73
N GLU B 22 26.98 16.74 8.95
CA GLU B 22 27.55 17.57 7.89
C GLU B 22 26.85 17.35 6.56
N VAL B 23 27.15 18.21 5.59
CA VAL B 23 26.51 18.10 4.29
C VAL B 23 26.77 16.71 3.71
N GLY B 24 25.75 16.13 3.09
CA GLY B 24 25.87 14.80 2.49
C GLY B 24 25.74 13.64 3.46
N GLU B 25 25.73 13.90 4.76
CA GLU B 25 25.54 12.85 5.79
C GLU B 25 24.05 12.63 6.09
N ILE B 26 23.68 11.43 6.54
CA ILE B 26 22.27 11.08 6.76
C ILE B 26 21.89 11.14 8.25
N ILE B 27 20.69 11.64 8.54
CA ILE B 27 20.13 11.52 9.90
C ILE B 27 18.95 10.56 9.90
N LYS B 28 19.09 9.46 10.64
CA LYS B 28 17.99 8.50 10.87
C LYS B 28 16.97 9.08 11.87
N ALA B 29 15.76 9.27 11.39
CA ALA B 29 14.69 9.84 12.17
C ALA B 29 13.70 8.73 12.47
N THR B 30 13.74 8.22 13.70
CA THR B 30 12.91 7.10 14.09
C THR B 30 11.64 7.50 14.80
N VAL B 31 10.53 6.96 14.29
CA VAL B 31 9.22 7.08 14.90
C VAL B 31 9.09 5.97 15.95
N LYS B 32 8.57 6.32 17.12
CA LYS B 32 8.46 5.36 18.22
C LYS B 32 7.28 5.72 19.11
N ILE B 33 6.60 4.71 19.65
CA ILE B 33 5.47 4.95 20.56
C ILE B 33 5.68 4.30 21.94
N ASN B 34 5.12 4.93 22.97
CA ASN B 34 5.16 4.36 24.32
C ASN B 34 3.78 4.10 24.89
N LYS B 35 3.57 2.86 25.34
CA LYS B 35 2.30 2.37 25.88
C LYS B 35 1.06 2.89 25.16
N ILE B 36 0.87 2.44 23.93
CA ILE B 36 -0.36 2.74 23.18
C ILE B 36 -1.26 1.52 23.26
N THR B 37 -2.38 1.65 23.96
CA THR B 37 -3.18 0.49 24.28
C THR B 37 -3.73 -0.18 23.03
N ASN B 38 -3.31 -1.43 22.80
CA ASN B 38 -3.86 -2.22 21.72
C ASN B 38 -3.60 -1.64 20.32
N PHE B 39 -2.44 -1.01 20.17
CA PHE B 39 -2.02 -0.42 18.91
C PHE B 39 -2.14 -1.45 17.79
N SER B 40 -2.75 -1.05 16.67
CA SER B 40 -2.76 -1.89 15.46
C SER B 40 -2.38 -1.16 14.16
N GLY B 41 -2.06 0.13 14.26
CA GLY B 41 -1.60 0.88 13.10
C GLY B 41 -1.46 2.37 13.27
N TYR B 42 -0.66 2.98 12.40
CA TYR B 42 -0.40 4.42 12.47
C TYR B 42 -0.53 5.11 11.11
N GLN B 43 -0.82 6.41 11.14
CA GLN B 43 -0.56 7.28 9.99
C GLN B 43 0.02 8.60 10.48
N VAL B 44 1.08 9.07 9.85
CA VAL B 44 1.69 10.33 10.28
C VAL B 44 2.05 11.29 9.17
N ASN B 45 2.05 12.55 9.55
CA ASN B 45 2.25 13.63 8.63
C ASN B 45 3.39 14.46 9.11
N ILE B 46 4.48 14.43 8.36
CA ILE B 46 5.71 15.04 8.80
C ILE B 46 6.18 16.12 7.86
N LYS B 47 6.50 17.26 8.44
CA LYS B 47 6.98 18.40 7.69
C LYS B 47 8.50 18.60 7.82
N TYR B 48 9.18 18.89 6.72
CA TYR B 48 10.58 19.24 6.80
C TYR B 48 10.91 20.33 5.79
N ASP B 49 12.15 20.83 5.85
CA ASP B 49 12.58 21.87 4.94
C ASP B 49 13.31 21.21 3.79
N PRO B 50 12.68 21.20 2.60
CA PRO B 50 13.15 20.51 1.40
C PRO B 50 14.44 21.14 0.86
N THR B 51 14.71 22.38 1.26
CA THR B 51 15.90 23.07 0.78
C THR B 51 17.05 22.90 1.78
N VAL B 52 16.78 22.20 2.87
CA VAL B 52 17.84 21.95 3.84
C VAL B 52 18.12 20.48 4.07
N LEU B 53 17.08 19.66 4.03
CA LEU B 53 17.23 18.22 4.20
C LEU B 53 16.42 17.45 3.17
N GLN B 54 16.97 16.32 2.76
CA GLN B 54 16.29 15.46 1.82
C GLN B 54 15.87 14.10 2.39
N ALA B 55 14.60 13.74 2.18
CA ALA B 55 14.12 12.43 2.56
C ALA B 55 14.82 11.37 1.70
N VAL B 56 15.62 10.53 2.34
CA VAL B 56 16.32 9.43 1.65
C VAL B 56 16.17 8.13 2.43
N ASN B 57 16.20 6.99 1.74
CA ASN B 57 16.18 5.74 2.48
C ASN B 57 17.32 5.69 3.50
N PRO B 58 16.99 5.41 4.77
CA PRO B 58 17.89 5.61 5.91
C PRO B 58 19.20 4.80 5.84
N LYS B 59 19.18 3.63 5.20
CA LYS B 59 20.43 2.87 5.00
C LYS B 59 20.98 2.97 3.57
N THR B 60 20.09 2.82 2.58
CA THR B 60 20.48 2.83 1.17
C THR B 60 20.82 4.22 0.63
N GLY B 61 20.41 5.26 1.34
CA GLY B 61 20.68 6.62 0.89
C GLY B 61 19.79 7.06 -0.26
N VAL B 62 19.30 6.10 -1.04
CA VAL B 62 18.38 6.36 -2.17
C VAL B 62 17.25 7.35 -1.79
N ALA B 63 17.21 8.48 -2.50
CA ALA B 63 16.23 9.53 -2.27
C ALA B 63 14.81 9.00 -2.43
N TYR B 64 13.85 9.69 -1.83
CA TYR B 64 12.46 9.24 -1.76
C TYR B 64 11.67 9.81 -2.92
N THR B 65 10.83 8.99 -3.54
CA THR B 65 9.81 9.50 -4.49
C THR B 65 8.58 9.86 -3.68
N ASN B 66 7.46 10.14 -4.35
CA ASN B 66 6.19 10.37 -3.67
C ASN B 66 5.45 9.07 -3.36
N SER B 67 6.22 8.00 -3.16
CA SER B 67 5.68 6.66 -2.97
C SER B 67 6.65 5.80 -2.19
N SER B 68 7.82 6.34 -1.88
CA SER B 68 8.83 5.59 -1.16
C SER B 68 8.30 5.18 0.21
N LEU B 69 8.76 4.03 0.69
CA LEU B 69 8.22 3.52 1.95
C LEU B 69 9.15 3.89 3.10
N PRO B 70 8.57 3.99 4.31
CA PRO B 70 9.39 4.12 5.52
C PRO B 70 10.04 2.77 5.76
N THR B 71 11.21 2.76 6.38
CA THR B 71 11.80 1.50 6.79
C THR B 71 11.04 0.98 8.01
N SER B 72 10.74 -0.31 7.98
CA SER B 72 9.94 -0.94 9.02
C SER B 72 10.64 -0.82 10.36
N GLY B 73 9.86 -0.74 11.43
CA GLY B 73 10.45 -0.61 12.74
C GLY B 73 10.33 -1.88 13.56
N GLU B 74 10.30 -1.73 14.89
CA GLU B 74 10.10 -2.91 15.72
C GLU B 74 8.67 -3.42 15.55
N LEU B 75 7.69 -2.55 15.74
CA LEU B 75 6.29 -2.95 15.71
C LEU B 75 5.76 -3.22 14.31
N LEU B 76 4.47 -3.55 14.26
CA LEU B 76 3.71 -3.62 13.02
C LEU B 76 4.26 -4.61 12.02
N VAL B 77 5.24 -5.41 12.42
CA VAL B 77 5.83 -6.36 11.48
C VAL B 77 5.64 -7.86 11.79
N SER B 78 4.49 -8.28 12.29
CA SER B 78 4.26 -9.70 12.39
C SER B 78 3.54 -10.15 11.14
N GLU B 79 4.14 -11.07 10.41
CA GLU B 79 3.50 -11.51 9.19
C GLU B 79 2.11 -12.06 9.50
N ASP B 80 1.98 -12.76 10.62
CA ASP B 80 0.72 -13.40 10.98
C ASP B 80 -0.47 -12.44 10.94
N TYR B 81 -0.21 -11.15 11.08
CA TYR B 81 -1.32 -10.19 11.12
C TYR B 81 -1.41 -9.35 9.86
N GLY B 82 -0.62 -9.71 8.84
CA GLY B 82 -0.69 -9.05 7.54
C GLY B 82 -0.54 -7.54 7.58
N PRO B 83 0.69 -7.06 7.85
CA PRO B 83 1.05 -5.64 7.78
C PRO B 83 0.80 -5.10 6.37
N ILE B 84 0.33 -3.87 6.26
CA ILE B 84 0.33 -3.15 4.99
C ILE B 84 0.97 -1.79 5.22
N VAL B 85 1.82 -1.38 4.28
CA VAL B 85 2.51 -0.11 4.40
C VAL B 85 2.36 0.68 3.09
N GLN B 86 2.23 1.99 3.21
CA GLN B 86 2.08 2.87 2.06
C GLN B 86 2.56 4.27 2.38
N GLY B 87 3.11 4.96 1.36
CA GLY B 87 3.61 6.32 1.48
C GLY B 87 2.97 7.29 0.49
N VAL B 88 2.58 8.46 0.96
CA VAL B 88 2.06 9.44 0.02
C VAL B 88 2.50 10.86 0.37
N HIS B 89 3.60 11.28 -0.24
CA HIS B 89 4.28 12.50 0.11
C HIS B 89 4.15 13.58 -0.97
N LYS B 90 4.47 14.82 -0.59
CA LYS B 90 4.77 15.87 -1.55
C LYS B 90 6.16 16.35 -1.19
N ILE B 91 7.15 15.60 -1.65
CA ILE B 91 8.53 15.81 -1.27
C ILE B 91 8.93 17.26 -1.52
N SER B 92 8.46 17.79 -2.64
CA SER B 92 8.76 19.15 -3.05
C SER B 92 8.42 20.17 -1.96
N GLU B 93 7.39 19.88 -1.18
CA GLU B 93 6.92 20.84 -0.20
C GLU B 93 7.40 20.53 1.22
N GLY B 94 8.19 19.47 1.37
CA GLY B 94 8.72 19.09 2.67
C GLY B 94 7.68 18.36 3.50
N ILE B 95 6.83 17.59 2.84
CA ILE B 95 5.84 16.82 3.53
C ILE B 95 5.89 15.34 3.20
N LEU B 96 5.72 14.52 4.25
CA LEU B 96 5.62 13.08 4.12
C LEU B 96 4.36 12.66 4.81
N ASN B 97 3.68 11.69 4.24
CA ASN B 97 2.54 11.10 4.91
C ASN B 97 2.73 9.59 4.86
N LEU B 98 2.87 8.99 6.04
CA LEU B 98 3.19 7.56 6.13
C LEU B 98 2.10 6.78 6.83
N SER B 99 1.96 5.50 6.45
CA SER B 99 0.94 4.61 7.02
C SER B 99 1.38 3.13 7.08
N ARG B 100 1.11 2.48 8.20
CA ARG B 100 1.31 1.05 8.29
C ARG B 100 0.39 0.47 9.34
N SER B 101 -0.42 -0.49 8.93
CA SER B 101 -1.47 -1.02 9.79
C SER B 101 -1.53 -2.54 9.62
N TYR B 102 -1.90 -3.26 10.68
CA TYR B 102 -2.25 -4.67 10.53
C TYR B 102 -3.68 -4.78 9.99
N THR B 103 -3.88 -5.73 9.07
CA THR B 103 -5.19 -6.08 8.52
C THR B 103 -5.88 -7.31 9.21
N ALA B 104 -5.09 -8.17 9.87
CA ALA B 104 -5.61 -9.40 10.48
C ALA B 104 -5.89 -9.24 11.97
N LEU B 105 -7.01 -8.63 12.30
CA LEU B 105 -7.17 -8.12 13.65
C LEU B 105 -7.71 -9.17 14.58
N GLU B 106 -8.74 -9.88 14.15
CA GLU B 106 -9.25 -10.95 14.99
C GLU B 106 -8.08 -11.84 15.38
N VAL B 107 -7.22 -12.14 14.42
CA VAL B 107 -6.01 -12.92 14.66
C VAL B 107 -5.11 -12.14 15.58
N TYR B 108 -5.00 -10.84 15.32
CA TYR B 108 -4.24 -9.96 16.20
C TYR B 108 -4.71 -10.11 17.64
N ARG B 109 -6.01 -9.91 17.82
CA ARG B 109 -6.62 -9.88 19.13
C ARG B 109 -6.51 -11.23 19.79
N ALA B 110 -6.64 -12.27 18.98
CA ALA B 110 -6.55 -13.62 19.48
C ALA B 110 -5.27 -13.76 20.28
N SER B 111 -4.17 -13.26 19.73
CA SER B 111 -2.87 -13.31 20.41
C SER B 111 -2.90 -12.92 21.90
N GLU B 112 -3.82 -12.02 22.24
CA GLU B 112 -3.87 -11.42 23.58
C GLU B 112 -2.55 -10.74 23.96
N SER B 113 -1.73 -10.47 22.96
CA SER B 113 -0.45 -9.79 23.16
C SER B 113 -0.35 -8.48 22.38
N PRO B 114 -0.93 -7.38 22.93
CA PRO B 114 -0.92 -6.10 22.19
C PRO B 114 0.49 -5.58 22.08
N GLU B 115 0.87 -5.13 20.89
CA GLU B 115 2.05 -4.31 20.70
C GLU B 115 1.65 -2.91 21.17
N GLU B 116 2.39 -2.33 22.10
CA GLU B 116 1.96 -1.05 22.68
C GLU B 116 3.13 -0.11 22.95
N THR B 117 4.33 -0.53 22.54
CA THR B 117 5.56 0.19 22.86
C THR B 117 6.68 -0.30 21.94
N GLY B 118 7.18 0.61 21.07
CA GLY B 118 8.22 0.28 20.11
C GLY B 118 8.48 1.20 18.91
N THR B 119 9.45 0.80 18.09
CA THR B 119 9.81 1.50 16.88
C THR B 119 8.83 1.17 15.78
N LEU B 120 8.32 2.19 15.10
CA LEU B 120 7.33 2.00 14.04
C LEU B 120 7.92 2.15 12.64
N ALA B 121 8.74 3.18 12.48
CA ALA B 121 9.18 3.62 11.16
C ALA B 121 10.51 4.36 11.21
N VAL B 122 11.35 4.14 10.21
CA VAL B 122 12.51 4.99 10.08
C VAL B 122 12.52 5.75 8.78
N VAL B 123 13.15 6.92 8.83
CA VAL B 123 13.31 7.74 7.66
C VAL B 123 14.63 8.48 7.71
N GLY B 124 15.29 8.59 6.56
CA GLY B 124 16.57 9.24 6.48
C GLY B 124 16.42 10.67 6.02
N PHE B 125 17.22 11.55 6.59
CA PHE B 125 17.34 12.88 6.04
C PHE B 125 18.77 13.16 5.67
N LYS B 126 18.97 13.33 4.36
CA LYS B 126 20.26 13.72 3.81
C LYS B 126 20.38 15.20 3.96
N VAL B 127 21.50 15.65 4.49
CA VAL B 127 21.72 17.08 4.76
C VAL B 127 22.12 17.81 3.50
N LEU B 128 21.16 18.47 2.86
CA LEU B 128 21.50 19.35 1.73
C LEU B 128 22.26 20.55 2.27
N GLN B 129 21.70 21.20 3.29
CA GLN B 129 22.38 22.34 3.94
C GLN B 129 22.68 22.15 5.43
N LYS B 130 23.85 22.65 5.83
CA LYS B 130 24.30 22.63 7.22
C LYS B 130 23.90 23.93 7.92
N LYS B 131 22.60 24.02 8.24
CA LYS B 131 22.00 25.17 8.92
C LYS B 131 20.82 24.69 9.77
N ALA B 132 20.62 25.32 10.93
CA ALA B 132 19.56 24.91 11.88
C ALA B 132 18.19 24.74 11.21
N THR B 133 17.47 23.70 11.59
CA THR B 133 16.19 23.36 10.95
C THR B 133 15.41 22.29 11.76
N THR B 134 14.14 22.07 11.41
CA THR B 134 13.31 21.16 12.20
C THR B 134 12.37 20.28 11.37
N VAL B 135 12.42 18.98 11.66
CA VAL B 135 11.43 18.02 11.15
C VAL B 135 10.42 17.82 12.25
N VAL B 136 9.12 17.79 11.89
CA VAL B 136 8.04 17.70 12.87
C VAL B 136 6.80 17.01 12.32
N PHE B 137 6.02 16.42 13.23
CA PHE B 137 4.70 15.92 12.88
C PHE B 137 3.85 17.13 12.68
N GLU B 138 3.04 17.14 11.63
CA GLU B 138 2.17 18.29 11.46
C GLU B 138 0.80 17.99 10.86
N ASP B 139 -0.20 18.73 11.34
CA ASP B 139 -1.58 18.50 10.94
C ASP B 139 -1.72 18.74 9.45
N SER B 140 -2.74 18.13 8.85
CA SER B 140 -2.97 18.19 7.40
C SER B 140 -4.47 18.18 7.04
N GLU B 141 -4.82 18.95 6.02
CA GLU B 141 -6.17 18.97 5.47
C GLU B 141 -6.54 17.53 5.11
N THR B 142 -5.51 16.77 4.78
CA THR B 142 -5.69 15.38 4.39
C THR B 142 -6.02 14.46 5.58
N MET B 143 -5.78 14.95 6.80
CA MET B 143 -6.02 14.17 8.02
C MET B 143 -6.83 14.98 9.04
N PRO B 144 -8.10 15.26 8.71
CA PRO B 144 -9.01 16.13 9.49
C PRO B 144 -9.17 15.68 10.92
N ASN B 145 -9.22 14.38 11.14
CA ASN B 145 -9.36 13.87 12.51
C ASN B 145 -8.02 13.51 13.15
N GLY B 146 -6.93 13.91 12.50
CA GLY B 146 -5.59 13.68 13.00
C GLY B 146 -5.22 14.61 14.15
N ILE B 147 -4.16 14.26 14.85
CA ILE B 147 -3.81 14.97 16.08
C ILE B 147 -2.36 15.46 16.05
N THR B 148 -2.14 16.64 15.46
CA THR B 148 -0.81 17.17 15.23
C THR B 148 -0.16 16.23 14.23
N GLY B 149 -0.92 15.84 13.23
CA GLY B 149 -0.41 14.98 12.18
C GLY B 149 -0.22 13.53 12.57
N THR B 150 -1.02 13.05 13.53
CA THR B 150 -0.97 11.63 13.94
C THR B 150 -2.36 10.98 13.99
N THR B 151 -2.42 9.72 13.59
CA THR B 151 -3.58 8.90 13.84
C THR B 151 -3.13 7.49 14.21
N LEU B 152 -3.58 7.01 15.37
CA LEU B 152 -3.22 5.68 15.85
C LEU B 152 -4.44 4.79 16.05
N PHE B 153 -4.28 3.50 15.78
CA PHE B 153 -5.42 2.61 15.76
C PHE B 153 -5.29 1.46 16.76
N ASN B 154 -6.41 1.02 17.33
CA ASN B 154 -6.38 -0.17 18.17
C ASN B 154 -6.96 -1.38 17.43
N TRP B 155 -6.62 -2.58 17.90
CA TRP B 155 -6.95 -3.79 17.17
C TRP B 155 -8.45 -4.04 16.96
N TYR B 156 -9.30 -3.19 17.55
CA TYR B 156 -10.71 -3.22 17.24
C TYR B 156 -10.97 -2.31 16.02
N GLY B 157 -9.94 -1.58 15.61
CA GLY B 157 -10.01 -0.73 14.42
C GLY B 157 -10.63 0.62 14.70
N ASN B 158 -10.53 1.05 15.95
CA ASN B 158 -11.05 2.33 16.38
C ASN B 158 -9.87 3.28 16.42
N ARG B 159 -10.05 4.55 16.10
CA ARG B 159 -8.94 5.48 16.27
C ARG B 159 -8.85 5.89 17.73
N ILE B 160 -7.62 6.04 18.21
CA ILE B 160 -7.37 6.45 19.57
C ILE B 160 -7.45 7.97 19.64
N GLN B 161 -8.61 8.47 20.06
CA GLN B 161 -8.92 9.88 19.94
C GLN B 161 -8.27 10.76 21.00
N SER B 162 -7.60 10.15 21.97
CA SER B 162 -6.80 10.95 22.89
C SER B 162 -6.20 10.22 24.06
N GLY B 163 -5.92 11.00 25.10
CA GLY B 163 -5.09 10.54 26.19
C GLY B 163 -3.76 10.03 25.65
N TYR B 164 -3.17 10.80 24.74
CA TYR B 164 -1.75 10.67 24.38
C TYR B 164 -1.27 11.94 23.74
N PHE B 165 -0.01 12.28 23.95
CA PHE B 165 0.49 13.53 23.40
C PHE B 165 1.76 13.38 22.58
N VAL B 166 1.94 14.35 21.67
CA VAL B 166 3.01 14.32 20.68
C VAL B 166 4.25 15.08 21.14
N ILE B 167 5.43 14.50 20.96
CA ILE B 167 6.70 15.27 21.11
C ILE B 167 7.67 15.04 19.94
N GLN B 168 8.46 16.07 19.62
CA GLN B 168 8.71 16.39 18.22
C GLN B 168 9.90 15.88 17.36
N PRO B 169 11.16 16.13 17.73
CA PRO B 169 11.85 17.02 18.67
C PRO B 169 11.75 18.44 18.09
N GLY B 170 12.79 19.27 18.05
CA GLY B 170 14.18 18.93 18.27
C GLY B 170 14.95 19.58 17.14
N GLU B 171 15.96 20.37 17.48
CA GLU B 171 16.68 21.13 16.46
C GLU B 171 17.81 20.36 15.79
N ILE B 172 18.13 20.76 14.57
CA ILE B 172 19.37 20.41 13.92
C ILE B 172 19.65 21.45 12.87
N ASN B 173 20.92 21.67 12.63
CA ASN B 173 21.91 21.28 13.59
C ASN B 173 22.14 22.59 14.29
N SER B 174 21.42 22.82 15.39
CA SER B 174 21.70 23.98 16.21
C SER B 174 23.17 24.19 15.91
N ALA B 175 23.58 25.40 15.52
CA ALA B 175 23.07 26.67 15.98
C ALA B 175 23.71 26.86 17.35
N PRO B 176 24.96 26.36 17.51
CA PRO B 176 25.66 26.49 18.78
C PRO B 176 26.32 27.86 18.79
N ILE B 177 26.90 28.27 19.91
CA ILE B 177 27.60 29.57 20.03
C ILE B 177 26.59 30.70 20.32
N ALA B 178 27.07 31.94 20.27
CA ALA B 178 26.23 33.13 20.35
C ALA B 178 26.42 33.98 19.09
N THR B 179 26.07 35.26 19.16
CA THR B 179 26.19 36.18 18.02
C THR B 179 25.09 35.93 16.97
N ALA B 180 24.14 36.86 16.86
CA ALA B 180 23.03 36.70 15.93
C ALA B 180 23.43 36.90 14.46
N THR B 181 24.56 36.30 14.07
CA THR B 181 24.98 36.28 12.67
C THR B 181 23.98 35.46 11.83
N PRO B 182 23.32 34.46 12.46
CA PRO B 182 22.14 33.83 11.86
C PRO B 182 20.93 34.78 11.78
N THR B 183 20.94 35.83 12.59
CA THR B 183 20.05 36.98 12.43
C THR B 183 18.56 36.65 12.28
N THR B 184 18.19 35.44 12.71
CA THR B 184 16.81 34.96 12.58
C THR B 184 15.83 36.09 12.20
N LYS B 185 15.58 36.23 10.90
CA LYS B 185 14.64 37.21 10.38
C LYS B 185 13.45 36.45 9.82
N PRO B 186 12.81 35.62 10.66
CA PRO B 186 11.91 34.54 10.20
C PRO B 186 10.82 35.02 9.25
N THR B 187 10.51 36.32 9.28
CA THR B 187 9.38 36.84 8.54
C THR B 187 8.20 35.85 8.66
N ALA B 188 8.13 35.17 9.80
CA ALA B 188 7.14 34.14 10.05
C ALA B 188 5.79 34.72 10.48
C1 EDO C . -20.40 2.77 1.36
O1 EDO C . -20.13 3.27 2.68
C2 EDO C . -21.91 2.80 1.06
O2 EDO C . -22.29 1.71 0.19
C1 EDO D . -15.54 -26.86 -45.37
O1 EDO D . -14.27 -26.52 -44.80
C2 EDO D . -16.24 -25.58 -45.84
O2 EDO D . -16.24 -24.63 -44.76
C1 EDO E . -17.39 -30.87 -27.16
O1 EDO E . -16.96 -31.83 -26.19
C2 EDO E . -16.40 -29.71 -27.12
O2 EDO E . -15.09 -30.24 -27.34
C1 EDO F . -17.37 -24.42 -15.52
O1 EDO F . -16.95 -25.22 -16.64
C2 EDO F . -18.87 -24.16 -15.64
O2 EDO F . -19.60 -25.39 -15.66
C1 EDO G . 11.01 -0.35 -5.93
O1 EDO G . 10.71 -1.60 -6.54
C2 EDO G . 11.55 -0.59 -4.53
O2 EDO G . 12.48 0.46 -4.19
C1 EDO H . -5.82 -23.49 -6.03
O1 EDO H . -6.49 -23.79 -4.79
C2 EDO H . -4.85 -22.31 -5.86
O2 EDO H . -3.64 -22.55 -6.59
C1 EDO I . 13.50 4.44 -0.25
O1 EDO I . 13.98 5.78 -0.43
C2 EDO I . 13.56 3.71 -1.59
O2 EDO I . 12.85 4.46 -2.59
C1 EDO J . 10.69 2.81 -4.31
O1 EDO J . 11.27 4.09 -4.61
C2 EDO J . 10.21 2.78 -2.86
O2 EDO J . 9.55 1.53 -2.59
C1 EDO K . 17.28 6.40 17.41
O1 EDO K . 16.45 5.26 17.73
C2 EDO K . 16.52 7.36 16.50
O2 EDO K . 16.77 7.07 15.12
C1 EDO L . -2.83 8.88 1.86
O1 EDO L . -3.08 10.25 2.25
C2 EDO L . -2.73 7.89 3.05
O2 EDO L . -1.39 7.45 3.35
C1 EDO M . 3.01 18.30 22.86
O1 EDO M . 4.40 18.41 23.24
C2 EDO M . 2.67 19.29 21.74
O2 EDO M . 1.70 18.75 20.82
C1 EDO N . 27.39 36.11 26.04
O1 EDO N . 28.65 35.58 26.51
C2 EDO N . 26.24 35.17 26.42
O2 EDO N . 26.10 34.13 25.44
C1 EDO O . 18.29 2.31 -8.44
O1 EDO O . 17.08 1.89 -7.78
C2 EDO O . 19.50 1.92 -7.59
O2 EDO O . 19.71 2.90 -6.56
C1 EDO P . 2.24 -6.24 32.07
O1 EDO P . 2.94 -7.34 32.66
C2 EDO P . 2.56 -6.16 30.57
O2 EDO P . 1.65 -5.23 29.96
#